data_8Z8Q
#
_entry.id   8Z8Q
#
_cell.length_a   44.730
_cell.length_b   51.275
_cell.length_c   52.484
_cell.angle_alpha   113.830
_cell.angle_beta   114.990
_cell.angle_gamma   90.050
#
_symmetry.space_group_name_H-M   'P 1'
#
loop_
_entity.id
_entity.type
_entity.pdbx_description
1 polymer 'RNA (71-MER)'
2 non-polymer "2'-DEOXY-GUANOSINE"
#
_entity_poly.entity_id   1
_entity_poly.type   'polyribonucleotide'
_entity_poly.pdbx_seq_one_letter_code
;GGAUUCGUAUAUCCUUAAUGAUAUGGUUUAAGGGCAAUACAUAGAAACCACAAAUUUCUUACUGCGAAUUC
;
_entity_poly.pdbx_strand_id   A,B
#